data_1P1P
#
_entry.id   1P1P
#
_cell.length_a   1.000
_cell.length_b   1.000
_cell.length_c   1.000
_cell.angle_alpha   90.00
_cell.angle_beta   90.00
_cell.angle_gamma   90.00
#
_symmetry.space_group_name_H-M   'P 1'
#
_entity_poly.entity_id   1
_entity_poly.type   'polypeptide(L)'
_entity_poly.pdbx_seq_one_letter_code
;GCCGSYPNAACHPCSCKDR(HYP)SYCGQ(NH2)
;
_entity_poly.pdbx_strand_id   A
#
# COMPACT_ATOMS: atom_id res chain seq x y z
N GLY A 1 -7.62 -0.34 3.53
CA GLY A 1 -6.74 -0.11 2.37
C GLY A 1 -6.03 -1.39 1.98
N CYS A 2 -4.70 -1.43 2.14
CA CYS A 2 -3.91 -2.64 1.94
C CYS A 2 -2.72 -2.66 2.90
N CYS A 3 -1.82 -1.67 2.93
CA CYS A 3 -0.91 -1.54 4.05
C CYS A 3 -1.69 -1.09 5.31
N GLY A 4 -2.96 -0.71 5.14
CA GLY A 4 -3.83 -0.41 6.28
C GLY A 4 -4.06 -1.70 7.07
N SER A 5 -3.85 -1.68 8.39
CA SER A 5 -3.96 -2.83 9.29
C SER A 5 -2.94 -3.92 8.91
N TYR A 6 -1.73 -3.52 8.48
CA TYR A 6 -0.60 -4.41 8.23
C TYR A 6 0.69 -3.66 8.62
N PRO A 7 1.83 -4.37 8.81
CA PRO A 7 3.15 -3.77 8.97
C PRO A 7 3.47 -2.79 7.83
N ASN A 8 4.50 -1.96 8.00
CA ASN A 8 4.76 -0.80 7.15
C ASN A 8 6.27 -0.59 6.91
N ALA A 9 7.14 -1.54 7.27
CA ALA A 9 8.59 -1.39 7.15
C ALA A 9 9.03 -1.12 5.70
N ALA A 10 8.48 -1.92 4.80
CA ALA A 10 8.68 -1.88 3.35
C ALA A 10 7.37 -1.51 2.66
N CYS A 11 6.37 -2.37 2.87
CA CYS A 11 4.94 -2.19 2.68
C CYS A 11 4.52 -0.72 2.63
N HIS A 12 3.71 -0.41 1.62
CA HIS A 12 3.03 0.84 1.36
C HIS A 12 1.80 0.41 0.54
N PRO A 13 0.78 1.25 0.41
CA PRO A 13 -0.39 1.04 -0.43
C PRO A 13 -0.03 1.08 -1.92
N CYS A 14 1.05 0.41 -2.36
CA CYS A 14 1.70 0.71 -3.65
C CYS A 14 2.62 -0.46 -4.00
N SER A 15 3.52 -0.82 -3.06
CA SER A 15 4.28 -2.07 -3.10
C SER A 15 3.35 -3.29 -3.10
N CYS A 16 2.09 -3.15 -2.65
CA CYS A 16 1.10 -4.23 -2.75
C CYS A 16 0.95 -4.69 -4.21
N LYS A 17 0.52 -5.95 -4.37
CA LYS A 17 0.43 -6.63 -5.65
C LYS A 17 -0.63 -5.96 -6.53
N ASP A 18 -1.87 -5.86 -6.04
CA ASP A 18 -2.93 -5.07 -6.65
C ASP A 18 -3.27 -3.95 -5.67
N ARG A 19 -2.48 -2.87 -5.74
CA ARG A 19 -2.40 -1.87 -4.69
C ARG A 19 -3.58 -0.90 -4.71
N SER A 21 -4.98 2.24 -5.63
CA SER A 21 -4.47 2.75 -6.88
C SER A 21 -4.20 4.25 -6.82
N TYR A 22 -4.26 4.88 -5.63
CA TYR A 22 -3.73 6.20 -5.43
C TYR A 22 -2.25 6.28 -5.81
N CYS A 23 -1.47 5.21 -5.66
CA CYS A 23 -0.05 5.30 -6.06
C CYS A 23 0.11 5.28 -7.60
N GLY A 24 -1.00 5.37 -8.34
CA GLY A 24 -1.07 5.75 -9.74
C GLY A 24 -2.18 6.78 -9.84
N GLN A 25 -3.33 6.39 -10.40
CA GLN A 25 -4.61 7.09 -10.19
C GLN A 25 -5.69 6.17 -10.74
N GLY A 1 -6.85 1.80 2.81
CA GLY A 1 -5.48 1.28 2.71
C GLY A 1 -5.45 -0.15 2.16
N CYS A 2 -4.31 -0.83 2.29
CA CYS A 2 -4.15 -2.22 1.84
C CYS A 2 -3.06 -2.87 2.72
N CYS A 3 -1.76 -2.82 2.41
CA CYS A 3 -0.72 -3.36 3.26
C CYS A 3 -0.63 -2.55 4.56
N GLY A 4 -1.02 -1.26 4.53
CA GLY A 4 -0.81 -0.26 5.57
C GLY A 4 -1.13 -0.70 6.99
N SER A 5 -2.16 -1.52 7.11
CA SER A 5 -2.63 -2.11 8.36
C SER A 5 -1.51 -2.90 9.05
N TYR A 6 -0.77 -3.69 8.26
CA TYR A 6 0.36 -4.48 8.70
C TYR A 6 1.60 -3.58 8.80
N PRO A 7 2.58 -3.87 9.68
CA PRO A 7 3.73 -3.02 9.96
C PRO A 7 4.38 -2.39 8.72
N ASN A 8 4.56 -1.06 8.75
CA ASN A 8 5.11 -0.23 7.68
C ASN A 8 6.63 -0.34 7.58
N ALA A 9 7.17 -1.56 7.65
CA ALA A 9 8.50 -1.87 7.13
C ALA A 9 8.59 -1.44 5.66
N ALA A 10 7.66 -1.98 4.87
CA ALA A 10 7.39 -1.63 3.49
C ALA A 10 6.02 -0.94 3.39
N CYS A 11 4.98 -1.72 3.70
CA CYS A 11 3.54 -1.47 3.64
C CYS A 11 3.17 0.00 3.57
N HIS A 12 3.13 0.49 2.33
CA HIS A 12 2.43 1.69 1.92
C HIS A 12 1.30 1.24 0.99
N PRO A 13 0.26 2.05 0.82
CA PRO A 13 -0.87 1.86 -0.09
C PRO A 13 -0.45 1.96 -1.57
N CYS A 14 0.68 1.33 -1.95
CA CYS A 14 1.30 1.43 -3.27
C CYS A 14 2.06 0.12 -3.51
N SER A 15 2.90 -0.32 -2.55
CA SER A 15 3.70 -1.53 -2.62
C SER A 15 2.86 -2.79 -2.85
N CYS A 16 1.56 -2.80 -2.51
CA CYS A 16 0.65 -3.89 -2.90
C CYS A 16 0.70 -4.09 -4.42
N LYS A 17 0.38 -5.31 -4.87
CA LYS A 17 0.41 -5.69 -6.26
C LYS A 17 -0.70 -4.94 -7.01
N ASP A 18 -1.95 -5.04 -6.52
CA ASP A 18 -3.07 -4.23 -6.96
C ASP A 18 -3.42 -3.27 -5.81
N ARG A 19 -2.70 -2.15 -5.76
CA ARG A 19 -2.69 -1.23 -4.63
C ARG A 19 -3.85 -0.23 -4.69
N SER A 21 -5.30 2.86 -5.69
CA SER A 21 -4.86 3.43 -6.96
C SER A 21 -4.43 4.88 -6.83
N TYR A 22 -4.54 5.49 -5.66
CA TYR A 22 -3.93 6.78 -5.43
C TYR A 22 -2.45 6.76 -5.79
N CYS A 23 -1.74 5.63 -5.59
CA CYS A 23 -0.29 5.71 -5.76
C CYS A 23 0.08 5.57 -7.25
N GLY A 24 -0.90 5.67 -8.16
CA GLY A 24 -0.74 5.37 -9.58
C GLY A 24 -2.05 5.70 -10.30
N GLN A 25 -2.30 7.01 -10.47
CA GLN A 25 -3.52 7.54 -11.08
C GLN A 25 -3.25 9.01 -11.42
N GLY A 1 -7.54 0.94 3.64
CA GLY A 1 -6.64 1.05 2.49
C GLY A 1 -6.19 -0.32 2.00
N CYS A 2 -4.92 -0.67 2.24
CA CYS A 2 -4.40 -2.00 1.94
C CYS A 2 -3.26 -2.34 2.92
N CYS A 3 -2.15 -1.56 2.98
CA CYS A 3 -1.23 -1.62 4.11
C CYS A 3 -1.82 -0.89 5.31
N GLY A 4 -3.08 -0.43 5.21
CA GLY A 4 -3.81 0.25 6.28
C GLY A 4 -3.75 -0.46 7.64
N SER A 5 -3.63 -1.77 7.57
CA SER A 5 -3.59 -2.69 8.71
C SER A 5 -2.31 -3.55 8.70
N TYR A 6 -1.17 -3.01 8.26
CA TYR A 6 0.10 -3.73 8.23
C TYR A 6 1.25 -2.77 8.57
N PRO A 7 2.26 -3.20 9.34
CA PRO A 7 3.45 -2.41 9.66
C PRO A 7 4.17 -1.90 8.41
N ASN A 8 4.48 -0.61 8.38
CA ASN A 8 5.26 0.07 7.36
C ASN A 8 6.76 -0.27 7.46
N ALA A 9 7.11 -1.56 7.38
CA ALA A 9 8.48 -1.98 7.06
C ALA A 9 8.92 -1.34 5.75
N ALA A 10 8.12 -1.61 4.72
CA ALA A 10 8.11 -0.95 3.42
C ALA A 10 6.71 -1.14 2.83
N CYS A 11 5.70 -0.75 3.60
CA CYS A 11 4.31 -1.12 3.37
C CYS A 11 3.45 0.14 3.32
N HIS A 12 3.54 0.81 2.17
CA HIS A 12 2.67 1.92 1.78
C HIS A 12 1.52 1.32 0.96
N PRO A 13 0.42 2.04 0.78
CA PRO A 13 -0.71 1.76 -0.11
C PRO A 13 -0.28 1.79 -1.60
N CYS A 14 0.85 1.13 -1.95
CA CYS A 14 1.58 1.39 -3.21
C CYS A 14 2.55 0.23 -3.43
N SER A 15 3.33 -0.11 -2.40
CA SER A 15 4.09 -1.35 -2.30
C SER A 15 3.16 -2.58 -2.42
N CYS A 16 1.87 -2.46 -2.07
CA CYS A 16 0.89 -3.53 -2.33
C CYS A 16 0.90 -3.92 -3.81
N LYS A 17 0.48 -5.16 -4.08
CA LYS A 17 0.55 -5.77 -5.39
C LYS A 17 -0.49 -5.13 -6.31
N ASP A 18 -1.76 -5.11 -5.90
CA ASP A 18 -2.83 -4.34 -6.54
C ASP A 18 -3.24 -3.26 -5.57
N ARG A 19 -2.48 -2.16 -5.58
CA ARG A 19 -2.47 -1.16 -4.53
C ARG A 19 -3.64 -0.17 -4.66
N SER A 21 -5.40 3.19 -5.47
CA SER A 21 -5.21 3.82 -6.75
C SER A 21 -4.38 5.10 -6.68
N TYR A 22 -4.31 5.74 -5.51
CA TYR A 22 -3.60 6.99 -5.35
C TYR A 22 -2.15 6.89 -5.83
N CYS A 23 -1.52 5.72 -5.71
CA CYS A 23 -0.10 5.63 -6.13
C CYS A 23 -0.01 5.29 -7.64
N GLY A 24 -1.13 5.32 -8.35
CA GLY A 24 -1.23 5.19 -9.80
C GLY A 24 -2.32 6.13 -10.31
N GLN A 25 -2.30 7.38 -9.83
CA GLN A 25 -3.28 8.40 -10.16
C GLN A 25 -2.77 9.68 -9.51
N GLY A 1 -8.14 0.51 2.89
CA GLY A 1 -6.69 0.46 2.63
C GLY A 1 -6.29 -0.86 1.97
N CYS A 2 -5.00 -1.21 2.06
CA CYS A 2 -4.49 -2.49 1.57
C CYS A 2 -3.36 -2.98 2.47
N CYS A 3 -2.24 -2.26 2.62
CA CYS A 3 -1.30 -2.54 3.69
C CYS A 3 -1.93 -2.20 5.04
N GLY A 4 -3.08 -1.51 5.07
CA GLY A 4 -3.91 -1.38 6.26
C GLY A 4 -3.09 -0.96 7.48
N SER A 5 -3.14 -1.77 8.56
CA SER A 5 -2.36 -1.57 9.78
C SER A 5 -1.33 -2.71 9.92
N TYR A 6 -0.79 -3.21 8.80
CA TYR A 6 0.25 -4.23 8.75
C TYR A 6 1.63 -3.54 8.71
N PRO A 7 2.71 -4.18 9.21
CA PRO A 7 4.06 -3.63 9.24
C PRO A 7 4.47 -2.86 7.97
N ASN A 8 4.43 -1.53 8.08
CA ASN A 8 4.68 -0.54 7.03
C ASN A 8 6.13 -0.58 6.53
N ALA A 9 6.98 0.39 6.92
CA ALA A 9 8.17 0.89 6.20
C ALA A 9 8.69 -0.09 5.15
N ALA A 10 7.97 -0.02 4.02
CA ALA A 10 8.01 -0.83 2.80
C ALA A 10 6.59 -0.96 2.26
N CYS A 11 5.72 -1.44 3.13
CA CYS A 11 4.31 -1.75 2.93
C CYS A 11 3.48 -0.47 3.01
N HIS A 12 3.73 0.42 2.07
CA HIS A 12 2.90 1.60 1.81
C HIS A 12 1.74 1.15 0.91
N PRO A 13 0.65 1.92 0.83
CA PRO A 13 -0.52 1.73 -0.02
C PRO A 13 -0.17 1.93 -1.52
N CYS A 14 0.96 1.37 -1.98
CA CYS A 14 1.54 1.51 -3.31
C CYS A 14 2.30 0.21 -3.61
N SER A 15 3.18 -0.23 -2.67
CA SER A 15 3.92 -1.48 -2.75
C SER A 15 3.02 -2.72 -2.89
N CYS A 16 1.73 -2.65 -2.50
CA CYS A 16 0.76 -3.71 -2.84
C CYS A 16 0.76 -3.96 -4.36
N LYS A 17 0.31 -5.16 -4.75
CA LYS A 17 0.32 -5.61 -6.13
C LYS A 17 -0.69 -4.76 -6.94
N ASP A 18 -1.98 -4.81 -6.54
CA ASP A 18 -3.01 -3.91 -7.05
C ASP A 18 -3.37 -2.96 -5.92
N ARG A 19 -2.57 -1.90 -5.81
CA ARG A 19 -2.52 -1.02 -4.64
C ARG A 19 -3.68 -0.02 -4.63
N SER A 21 -5.07 3.14 -5.44
CA SER A 21 -4.63 3.77 -6.68
C SER A 21 -4.26 5.24 -6.47
N TYR A 22 -4.37 5.77 -5.24
CA TYR A 22 -3.76 7.05 -4.94
C TYR A 22 -2.29 7.06 -5.33
N CYS A 23 -1.56 5.92 -5.23
CA CYS A 23 -0.12 6.04 -5.41
C CYS A 23 0.22 6.03 -6.92
N GLY A 24 -0.77 6.20 -7.81
CA GLY A 24 -0.62 6.03 -9.25
C GLY A 24 -1.86 6.52 -9.98
N GLN A 25 -2.17 7.81 -9.81
CA GLN A 25 -3.20 8.53 -10.57
C GLN A 25 -2.68 9.95 -10.81
N GLY A 1 -7.39 -0.73 1.39
CA GLY A 1 -6.38 -0.46 2.44
C GLY A 1 -5.16 -1.37 2.26
N CYS A 2 -3.97 -0.87 2.60
CA CYS A 2 -2.74 -1.66 2.51
C CYS A 2 -1.64 -1.14 3.46
N CYS A 3 -1.31 0.17 3.50
CA CYS A 3 -0.63 0.75 4.64
C CYS A 3 -1.71 1.19 5.65
N GLY A 4 -2.84 0.46 5.66
CA GLY A 4 -3.78 0.41 6.78
C GLY A 4 -3.10 -0.16 8.05
N SER A 5 -3.89 -0.79 8.93
CA SER A 5 -3.38 -1.46 10.13
C SER A 5 -2.26 -2.46 9.81
N TYR A 6 -2.27 -3.04 8.60
CA TYR A 6 -1.27 -3.98 8.09
C TYR A 6 0.12 -3.33 8.09
N PRO A 7 1.21 -4.13 8.19
CA PRO A 7 2.59 -3.64 8.24
C PRO A 7 2.91 -2.49 7.28
N ASN A 8 3.66 -1.51 7.79
CA ASN A 8 3.98 -0.23 7.16
C ASN A 8 5.49 -0.16 6.83
N ALA A 9 6.36 -0.73 7.68
CA ALA A 9 7.81 -0.57 7.62
C ALA A 9 8.42 -1.04 6.30
N ALA A 10 7.72 -1.96 5.62
CA ALA A 10 8.03 -2.44 4.29
C ALA A 10 6.79 -2.32 3.41
N CYS A 11 6.18 -1.12 3.40
CA CYS A 11 4.91 -0.83 2.75
C CYS A 11 4.80 0.68 2.52
N HIS A 12 4.40 1.02 1.31
CA HIS A 12 3.71 2.26 0.95
C HIS A 12 2.42 1.74 0.31
N PRO A 13 1.35 2.53 0.26
CA PRO A 13 0.09 2.21 -0.38
C PRO A 13 0.24 2.14 -1.92
N CYS A 14 1.33 1.52 -2.44
CA CYS A 14 1.84 1.81 -3.78
C CYS A 14 2.86 0.73 -4.18
N SER A 15 3.82 0.44 -3.29
CA SER A 15 4.65 -0.76 -3.38
C SER A 15 3.78 -2.03 -3.39
N CYS A 16 2.56 -1.94 -2.83
CA CYS A 16 1.59 -3.02 -2.80
C CYS A 16 1.24 -3.49 -4.22
N LYS A 17 0.82 -4.75 -4.33
CA LYS A 17 0.53 -5.43 -5.58
C LYS A 17 -0.79 -4.92 -6.17
N ASP A 18 -1.86 -4.92 -5.37
CA ASP A 18 -3.14 -4.30 -5.70
C ASP A 18 -3.30 -3.09 -4.77
N ARG A 19 -2.63 -1.99 -5.12
CA ARG A 19 -2.36 -0.90 -4.20
C ARG A 19 -3.58 0.01 -4.09
N SER A 21 -5.76 3.42 -4.31
CA SER A 21 -6.03 4.31 -5.42
C SER A 21 -4.92 5.33 -5.68
N TYR A 22 -4.57 6.05 -4.62
CA TYR A 22 -3.88 7.32 -4.71
C TYR A 22 -2.60 7.20 -5.52
N CYS A 23 -1.92 6.05 -5.45
CA CYS A 23 -0.64 5.95 -6.18
C CYS A 23 -0.84 5.51 -7.64
N GLY A 24 -1.99 4.95 -7.99
CA GLY A 24 -2.37 4.59 -9.34
C GLY A 24 -3.21 5.70 -9.98
N GLN A 25 -2.99 6.96 -9.56
CA GLN A 25 -3.67 8.14 -10.06
C GLN A 25 -2.71 9.33 -9.98
N GLY A 1 -8.03 -3.07 -0.42
CA GLY A 1 -7.02 -2.25 0.27
C GLY A 1 -5.61 -2.60 -0.22
N CYS A 2 -4.63 -2.59 0.69
CA CYS A 2 -3.27 -3.03 0.42
C CYS A 2 -2.78 -3.74 1.69
N CYS A 3 -2.04 -3.09 2.61
CA CYS A 3 -1.37 -3.73 3.71
C CYS A 3 -2.19 -3.61 5.01
N GLY A 4 -3.29 -2.85 5.00
CA GLY A 4 -4.24 -2.83 6.11
C GLY A 4 -3.56 -2.43 7.43
N SER A 5 -3.83 -3.17 8.50
CA SER A 5 -3.30 -2.93 9.83
C SER A 5 -1.82 -3.31 9.94
N TYR A 6 -1.28 -4.09 8.99
CA TYR A 6 0.06 -4.65 9.11
C TYR A 6 1.09 -3.55 8.80
N PRO A 7 2.26 -3.48 9.48
CA PRO A 7 2.95 -2.21 9.66
C PRO A 7 3.83 -1.84 8.46
N ASN A 8 4.38 -0.62 8.50
CA ASN A 8 5.30 -0.05 7.52
C ASN A 8 6.70 -0.69 7.62
N ALA A 9 6.79 -2.01 7.40
CA ALA A 9 8.06 -2.62 7.00
C ALA A 9 8.57 -1.95 5.72
N ALA A 10 7.72 -2.00 4.70
CA ALA A 10 7.79 -1.21 3.49
C ALA A 10 6.39 -1.13 2.86
N CYS A 11 5.38 -0.83 3.69
CA CYS A 11 3.97 -0.80 3.31
C CYS A 11 3.57 0.63 2.98
N HIS A 12 3.81 1.00 1.73
CA HIS A 12 3.08 2.08 1.07
C HIS A 12 1.89 1.41 0.35
N PRO A 13 0.78 2.12 0.17
CA PRO A 13 -0.43 1.73 -0.53
C PRO A 13 -0.19 1.59 -2.05
N CYS A 14 0.90 0.93 -2.49
CA CYS A 14 1.48 1.20 -3.82
C CYS A 14 2.50 0.12 -4.21
N SER A 15 3.35 -0.29 -3.26
CA SER A 15 4.15 -1.50 -3.41
C SER A 15 3.24 -2.72 -3.68
N CYS A 16 2.00 -2.71 -3.18
CA CYS A 16 1.04 -3.80 -3.39
C CYS A 16 0.67 -3.94 -4.87
N LYS A 17 0.09 -5.09 -5.21
CA LYS A 17 -0.33 -5.45 -6.55
C LYS A 17 -1.69 -4.80 -6.85
N ASP A 18 -2.71 -5.10 -6.04
CA ASP A 18 -4.01 -4.44 -6.10
C ASP A 18 -4.02 -3.34 -5.04
N ARG A 19 -3.37 -2.23 -5.37
CA ARG A 19 -3.02 -1.16 -4.45
C ARG A 19 -4.09 -0.06 -4.50
N SER A 21 -5.91 3.53 -4.98
CA SER A 21 -6.01 4.23 -6.24
C SER A 21 -5.05 5.39 -6.38
N TYR A 22 -4.67 6.01 -5.26
CA TYR A 22 -3.74 7.12 -5.27
C TYR A 22 -2.46 6.73 -6.01
N CYS A 23 -1.97 5.50 -5.84
CA CYS A 23 -0.84 5.02 -6.64
C CYS A 23 -1.38 4.14 -7.77
N GLY A 24 -2.38 4.64 -8.47
CA GLY A 24 -3.07 3.96 -9.55
C GLY A 24 -3.81 4.97 -10.43
N GLN A 25 -3.04 5.88 -11.04
CA GLN A 25 -3.58 6.94 -11.90
C GLN A 25 -2.43 7.43 -12.78
N GLY A 1 -6.63 1.53 2.27
CA GLY A 1 -5.50 0.65 2.61
C GLY A 1 -5.60 -0.68 1.88
N CYS A 2 -4.52 -1.47 1.93
CA CYS A 2 -4.47 -2.83 1.39
C CYS A 2 -3.42 -3.60 2.18
N CYS A 3 -2.10 -3.33 2.05
CA CYS A 3 -1.14 -3.82 3.02
C CYS A 3 -1.36 -3.11 4.36
N GLY A 4 -1.94 -1.89 4.36
CA GLY A 4 -2.05 -1.00 5.52
C GLY A 4 -2.63 -1.68 6.78
N SER A 5 -2.46 -1.01 7.93
CA SER A 5 -2.69 -1.54 9.29
C SER A 5 -1.67 -2.64 9.62
N TYR A 6 -0.45 -2.52 9.11
CA TYR A 6 0.70 -3.38 9.40
C TYR A 6 1.96 -2.51 9.28
N PRO A 7 3.08 -2.88 9.96
CA PRO A 7 4.33 -2.12 9.99
C PRO A 7 4.77 -1.64 8.60
N ASN A 8 4.80 -0.32 8.40
CA ASN A 8 5.08 0.33 7.13
C ASN A 8 6.57 0.44 6.86
N ALA A 9 7.30 -0.68 7.00
CA ALA A 9 8.60 -0.87 6.38
C ALA A 9 8.54 -0.55 4.89
N ALA A 10 7.61 -1.22 4.23
CA ALA A 10 7.19 -0.98 2.85
C ALA A 10 5.75 -1.46 2.68
N CYS A 11 4.85 -0.99 3.55
CA CYS A 11 3.47 -1.46 3.64
C CYS A 11 2.51 -0.29 3.46
N HIS A 12 2.76 0.45 2.38
CA HIS A 12 1.95 1.53 1.86
C HIS A 12 0.86 0.86 0.98
N PRO A 13 -0.24 1.56 0.71
CA PRO A 13 -1.26 1.25 -0.27
C PRO A 13 -0.68 1.28 -1.71
N CYS A 14 0.45 0.60 -1.98
CA CYS A 14 1.25 0.85 -3.20
C CYS A 14 2.22 -0.31 -3.43
N SER A 15 2.90 -0.80 -2.37
CA SER A 15 3.66 -2.04 -2.43
C SER A 15 2.75 -3.24 -2.80
N CYS A 16 1.44 -3.16 -2.57
CA CYS A 16 0.49 -4.15 -3.12
C CYS A 16 0.61 -4.17 -4.65
N LYS A 17 0.23 -5.29 -5.26
CA LYS A 17 0.28 -5.48 -6.69
C LYS A 17 -0.84 -4.68 -7.36
N ASP A 18 -2.10 -4.97 -7.01
CA ASP A 18 -3.28 -4.23 -7.44
C ASP A 18 -3.67 -3.29 -6.31
N ARG A 19 -2.88 -2.23 -6.14
CA ARG A 19 -2.91 -1.38 -4.96
C ARG A 19 -4.06 -0.37 -5.02
N SER A 21 -5.44 2.91 -5.81
CA SER A 21 -4.86 3.58 -6.95
C SER A 21 -4.56 5.05 -6.69
N TYR A 22 -4.67 5.54 -5.45
CA TYR A 22 -3.99 6.75 -5.08
C TYR A 22 -2.48 6.64 -5.35
N CYS A 23 -1.86 5.46 -5.15
CA CYS A 23 -0.49 5.26 -5.64
C CYS A 23 -0.57 4.54 -6.98
N GLY A 24 -1.17 5.23 -7.94
CA GLY A 24 -1.36 4.79 -9.32
C GLY A 24 -2.20 5.80 -10.09
N GLN A 25 -1.65 7.01 -10.27
CA GLN A 25 -2.34 8.14 -10.89
C GLN A 25 -1.49 8.60 -12.10
N GLY A 1 -7.17 -3.31 2.61
CA GLY A 1 -6.20 -2.21 2.48
C GLY A 1 -4.81 -2.72 2.09
N CYS A 2 -3.77 -1.94 2.41
CA CYS A 2 -2.38 -2.31 2.14
C CYS A 2 -1.45 -1.69 3.21
N CYS A 3 -1.40 -0.36 3.40
CA CYS A 3 -0.93 0.22 4.66
C CYS A 3 -2.19 0.68 5.42
N GLY A 4 -3.25 -0.12 5.31
CA GLY A 4 -4.43 -0.06 6.17
C GLY A 4 -4.03 -0.40 7.61
N SER A 5 -4.54 -1.51 8.13
CA SER A 5 -4.34 -1.95 9.50
C SER A 5 -3.05 -2.79 9.59
N TYR A 6 -1.98 -2.40 8.89
CA TYR A 6 -0.72 -3.14 8.82
C TYR A 6 0.47 -2.19 9.04
N PRO A 7 1.62 -2.72 9.51
CA PRO A 7 2.88 -1.97 9.62
C PRO A 7 3.30 -1.28 8.33
N ASN A 8 4.35 -0.44 8.46
CA ASN A 8 4.86 0.50 7.48
C ASN A 8 6.26 0.08 6.98
N ALA A 9 6.93 -0.86 7.66
CA ALA A 9 8.37 -1.13 7.56
C ALA A 9 8.84 -1.28 6.11
N ALA A 10 8.10 -2.12 5.39
CA ALA A 10 8.26 -2.37 3.97
C ALA A 10 6.88 -2.30 3.31
N CYS A 11 6.21 -1.15 3.50
CA CYS A 11 4.81 -0.98 3.19
C CYS A 11 4.55 0.49 2.84
N HIS A 12 4.14 0.71 1.59
CA HIS A 12 3.42 1.87 1.12
C HIS A 12 2.14 1.28 0.51
N PRO A 13 1.06 2.05 0.38
CA PRO A 13 -0.17 1.72 -0.31
C PRO A 13 0.05 1.56 -1.83
N CYS A 14 1.09 0.82 -2.26
CA CYS A 14 1.64 0.99 -3.62
C CYS A 14 2.53 -0.20 -4.01
N SER A 15 3.41 -0.65 -3.10
CA SER A 15 4.18 -1.89 -3.27
C SER A 15 3.25 -3.09 -3.51
N CYS A 16 2.01 -3.06 -2.99
CA CYS A 16 1.01 -4.09 -3.25
C CYS A 16 0.69 -4.13 -4.76
N LYS A 17 0.21 -5.29 -5.23
CA LYS A 17 0.00 -5.54 -6.64
C LYS A 17 -1.24 -4.77 -7.12
N ASP A 18 -2.39 -4.98 -6.48
CA ASP A 18 -3.61 -4.20 -6.69
C ASP A 18 -3.77 -3.29 -5.47
N ARG A 19 -2.98 -2.22 -5.48
CA ARG A 19 -2.76 -1.33 -4.34
C ARG A 19 -3.90 -0.33 -4.17
N SER A 21 -5.41 2.84 -4.85
CA SER A 21 -5.09 3.41 -6.14
C SER A 21 -4.79 4.91 -6.07
N TYR A 22 -4.63 5.48 -4.88
CA TYR A 22 -3.90 6.73 -4.77
C TYR A 22 -2.53 6.58 -5.43
N CYS A 23 -1.81 5.47 -5.22
CA CYS A 23 -0.56 5.24 -5.95
C CYS A 23 -0.86 4.43 -7.20
N GLY A 24 -1.72 4.99 -8.05
CA GLY A 24 -2.18 4.38 -9.27
C GLY A 24 -3.33 5.19 -9.87
N GLN A 25 -3.07 6.47 -10.17
CA GLN A 25 -4.03 7.39 -10.76
C GLN A 25 -3.39 8.23 -11.88
N GLY A 1 -7.59 0.26 4.16
CA GLY A 1 -6.73 0.58 3.02
C GLY A 1 -5.93 -0.65 2.59
N CYS A 2 -4.59 -0.57 2.64
CA CYS A 2 -3.74 -1.72 2.36
C CYS A 2 -2.43 -1.67 3.17
N CYS A 3 -1.67 -0.56 3.22
CA CYS A 3 -0.68 -0.44 4.26
C CYS A 3 -1.38 -0.28 5.62
N GLY A 4 -2.70 -0.07 5.62
CA GLY A 4 -3.49 -0.12 6.84
C GLY A 4 -3.76 -1.58 7.22
N SER A 5 -3.93 -1.87 8.51
CA SER A 5 -4.10 -3.22 9.05
C SER A 5 -3.00 -4.19 8.58
N TYR A 6 -1.77 -3.67 8.38
CA TYR A 6 -0.62 -4.42 7.90
C TYR A 6 0.67 -3.66 8.29
N PRO A 7 1.84 -4.32 8.29
CA PRO A 7 3.14 -3.68 8.50
C PRO A 7 3.37 -2.48 7.59
N ASN A 8 4.26 -1.57 8.02
CA ASN A 8 4.51 -0.28 7.38
C ASN A 8 6.00 -0.08 7.01
N ALA A 9 6.95 -0.64 7.77
CA ALA A 9 8.37 -0.34 7.66
C ALA A 9 8.94 -0.58 6.27
N ALA A 10 8.38 -1.54 5.55
CA ALA A 10 8.71 -1.89 4.18
C ALA A 10 7.42 -1.92 3.36
N CYS A 11 6.67 -0.81 3.38
CA CYS A 11 5.30 -0.75 2.89
C CYS A 11 4.85 0.70 2.78
N HIS A 12 3.97 0.90 1.79
CA HIS A 12 3.24 2.11 1.46
C HIS A 12 1.99 1.58 0.76
N PRO A 13 0.92 2.38 0.62
CA PRO A 13 -0.29 2.08 -0.14
C PRO A 13 0.01 2.00 -1.65
N CYS A 14 1.08 1.31 -2.08
CA CYS A 14 1.68 1.54 -3.41
C CYS A 14 2.65 0.38 -3.70
N SER A 15 3.54 0.08 -2.74
CA SER A 15 4.30 -1.17 -2.71
C SER A 15 3.38 -2.41 -2.69
N CYS A 16 2.13 -2.28 -2.22
CA CYS A 16 1.12 -3.35 -2.37
C CYS A 16 0.98 -3.75 -3.83
N LYS A 17 0.53 -4.98 -4.07
CA LYS A 17 0.41 -5.56 -5.39
C LYS A 17 -0.76 -4.93 -6.14
N ASP A 18 -1.97 -5.00 -5.58
CA ASP A 18 -3.14 -4.28 -6.06
C ASP A 18 -3.43 -3.16 -5.06
N ARG A 19 -2.68 -2.07 -5.21
CA ARG A 19 -2.53 -1.04 -4.20
C ARG A 19 -3.69 -0.05 -4.20
N SER A 21 -5.45 3.17 -4.99
CA SER A 21 -5.28 3.66 -6.35
C SER A 21 -4.63 5.04 -6.41
N TYR A 22 -4.46 5.73 -5.27
CA TYR A 22 -3.77 7.00 -5.25
C TYR A 22 -2.37 6.90 -5.88
N CYS A 23 -1.69 5.75 -5.75
CA CYS A 23 -0.34 5.63 -6.35
C CYS A 23 -0.46 5.19 -7.83
N GLY A 24 -1.65 5.29 -8.41
CA GLY A 24 -1.95 5.01 -9.80
C GLY A 24 -2.90 6.06 -10.36
N GLN A 25 -2.66 7.33 -10.01
CA GLN A 25 -3.38 8.50 -10.49
C GLN A 25 -2.39 9.65 -10.62
N GLY A 1 -8.28 -0.02 2.20
CA GLY A 1 -6.81 -0.17 2.23
C GLY A 1 -6.38 -1.50 1.61
N CYS A 2 -5.10 -1.85 1.78
CA CYS A 2 -4.57 -3.14 1.35
C CYS A 2 -3.36 -3.49 2.22
N CYS A 3 -2.22 -2.78 2.14
CA CYS A 3 -1.15 -2.94 3.11
C CYS A 3 -1.40 -2.01 4.30
N GLY A 4 -2.60 -1.39 4.38
CA GLY A 4 -2.98 -0.57 5.53
C GLY A 4 -3.12 -1.44 6.78
N SER A 5 -2.84 -0.86 7.96
CA SER A 5 -2.83 -1.55 9.25
C SER A 5 -1.81 -2.71 9.27
N TYR A 6 -0.70 -2.56 8.55
CA TYR A 6 0.46 -3.46 8.58
C TYR A 6 1.72 -2.59 8.39
N PRO A 7 2.86 -2.89 9.06
CA PRO A 7 3.82 -1.84 9.38
C PRO A 7 4.65 -1.46 8.15
N ASN A 8 4.74 -0.16 7.85
CA ASN A 8 5.23 0.38 6.59
C ASN A 8 6.77 0.40 6.53
N ALA A 9 7.41 -0.72 6.87
CA ALA A 9 8.79 -1.00 6.47
C ALA A 9 8.93 -0.85 4.95
N ALA A 10 8.09 -1.60 4.24
CA ALA A 10 7.87 -1.53 2.80
C ALA A 10 6.46 -2.00 2.52
N CYS A 11 5.47 -1.37 3.16
CA CYS A 11 4.08 -1.82 3.19
C CYS A 11 3.14 -0.61 3.15
N HIS A 12 3.24 0.11 2.04
CA HIS A 12 2.30 1.15 1.63
C HIS A 12 1.24 0.47 0.75
N PRO A 13 0.07 1.10 0.57
CA PRO A 13 -0.97 0.80 -0.39
C PRO A 13 -0.45 0.96 -1.84
N CYS A 14 0.69 0.34 -2.20
CA CYS A 14 1.48 0.69 -3.40
C CYS A 14 2.46 -0.45 -3.69
N SER A 15 3.20 -0.91 -2.66
CA SER A 15 3.91 -2.17 -2.70
C SER A 15 2.95 -3.35 -2.95
N CYS A 16 1.65 -3.20 -2.68
CA CYS A 16 0.65 -4.19 -3.10
C CYS A 16 0.71 -4.36 -4.63
N LYS A 17 0.34 -5.56 -5.08
CA LYS A 17 0.41 -5.96 -6.47
C LYS A 17 -0.68 -5.26 -7.29
N ASP A 18 -1.94 -5.36 -6.81
CA ASP A 18 -3.05 -4.57 -7.31
C ASP A 18 -3.44 -3.60 -6.19
N ARG A 19 -2.74 -2.45 -6.15
CA ARG A 19 -2.73 -1.57 -4.99
C ARG A 19 -3.94 -0.63 -5.03
N SER A 21 -5.36 2.76 -5.62
CA SER A 21 -4.82 3.58 -6.69
C SER A 21 -4.59 5.04 -6.29
N TYR A 22 -4.65 5.35 -4.98
CA TYR A 22 -4.00 6.56 -4.51
C TYR A 22 -2.51 6.55 -4.90
N CYS A 23 -1.83 5.40 -4.80
CA CYS A 23 -0.46 5.28 -5.35
C CYS A 23 -0.56 4.67 -6.76
N GLY A 24 -1.25 5.38 -7.63
CA GLY A 24 -1.52 4.94 -8.99
C GLY A 24 -2.37 5.96 -9.73
N GLN A 25 -1.80 7.13 -10.03
CA GLN A 25 -2.48 8.21 -10.73
C GLN A 25 -1.40 9.16 -11.27
N GLY A 1 -6.45 -2.62 4.45
CA GLY A 1 -6.13 -1.81 3.27
C GLY A 1 -4.77 -2.19 2.71
N CYS A 2 -3.77 -1.34 2.92
CA CYS A 2 -2.37 -1.64 2.57
C CYS A 2 -1.45 -0.95 3.56
N CYS A 3 -1.51 0.38 3.69
CA CYS A 3 -0.99 1.05 4.88
C CYS A 3 -2.16 1.48 5.74
N GLY A 4 -3.26 0.70 5.68
CA GLY A 4 -4.27 0.63 6.72
C GLY A 4 -4.48 -0.84 7.10
N SER A 5 -4.82 -1.12 8.36
CA SER A 5 -4.90 -2.48 8.93
C SER A 5 -3.64 -3.31 8.62
N TYR A 6 -2.46 -2.67 8.63
CA TYR A 6 -1.20 -3.28 8.23
C TYR A 6 -0.02 -2.46 8.79
N PRO A 7 1.20 -3.03 8.83
CA PRO A 7 2.39 -2.40 9.42
C PRO A 7 3.04 -1.38 8.45
N ASN A 8 4.32 -1.08 8.69
CA ASN A 8 5.12 -0.11 7.98
C ASN A 8 6.61 -0.48 8.05
N ALA A 9 6.91 -1.77 7.89
CA ALA A 9 8.27 -2.25 7.63
C ALA A 9 8.87 -1.53 6.43
N ALA A 10 8.12 -1.55 5.33
CA ALA A 10 8.36 -0.79 4.12
C ALA A 10 7.03 -0.52 3.41
N CYS A 11 6.03 -0.07 4.18
CA CYS A 11 4.69 0.15 3.67
C CYS A 11 4.57 1.59 3.15
N HIS A 12 4.42 1.70 1.82
CA HIS A 12 3.74 2.79 1.15
C HIS A 12 2.49 2.14 0.56
N PRO A 13 1.40 2.88 0.38
CA PRO A 13 0.13 2.46 -0.19
C PRO A 13 0.29 2.17 -1.71
N CYS A 14 1.33 1.38 -2.12
CA CYS A 14 1.87 1.47 -3.49
C CYS A 14 2.73 0.24 -3.81
N SER A 15 3.61 -0.18 -2.89
CA SER A 15 4.35 -1.43 -3.01
C SER A 15 3.40 -2.63 -3.16
N CYS A 16 2.16 -2.52 -2.65
CA CYS A 16 1.09 -3.50 -2.90
C CYS A 16 0.89 -3.75 -4.40
N LYS A 17 0.32 -4.91 -4.70
CA LYS A 17 -0.04 -5.34 -6.04
C LYS A 17 -1.32 -4.60 -6.44
N ASP A 18 -2.40 -4.76 -5.67
CA ASP A 18 -3.61 -3.97 -5.79
C ASP A 18 -3.61 -2.95 -4.65
N ARG A 19 -2.87 -1.85 -4.84
CA ARG A 19 -2.60 -0.84 -3.85
C ARG A 19 -3.74 0.18 -3.76
N SER A 21 -5.05 3.40 -4.71
CA SER A 21 -4.67 3.91 -6.02
C SER A 21 -4.39 5.41 -6.01
N TYR A 22 -4.28 6.04 -4.84
CA TYR A 22 -3.57 7.31 -4.77
C TYR A 22 -2.17 7.16 -5.38
N CYS A 23 -1.47 6.04 -5.14
CA CYS A 23 -0.22 5.77 -5.86
C CYS A 23 -0.55 4.97 -7.12
N GLY A 24 -1.37 5.57 -7.96
CA GLY A 24 -1.77 5.06 -9.25
C GLY A 24 -2.78 5.99 -9.95
N GLN A 25 -2.65 7.30 -9.72
CA GLN A 25 -3.47 8.36 -10.32
C GLN A 25 -2.56 9.58 -10.48
N GLY A 1 -8.01 -0.16 3.20
CA GLY A 1 -6.99 0.19 2.18
C GLY A 1 -6.06 -0.99 1.93
N CYS A 2 -4.75 -0.80 2.17
CA CYS A 2 -3.76 -1.88 2.08
C CYS A 2 -2.70 -1.76 3.16
N CYS A 3 -1.98 -0.62 3.34
CA CYS A 3 -1.24 -0.45 4.58
C CYS A 3 -2.21 -0.05 5.70
N GLY A 4 -3.53 -0.07 5.42
CA GLY A 4 -4.58 0.30 6.37
C GLY A 4 -4.46 -0.36 7.73
N SER A 5 -4.03 -1.62 7.72
CA SER A 5 -3.87 -2.46 8.90
C SER A 5 -2.67 -3.40 8.74
N TYR A 6 -1.56 -2.94 8.14
CA TYR A 6 -0.39 -3.78 7.87
C TYR A 6 0.88 -2.92 8.02
N PRO A 7 2.03 -3.45 8.50
CA PRO A 7 3.02 -2.62 9.16
C PRO A 7 4.02 -2.02 8.16
N ASN A 8 4.44 -0.78 8.41
CA ASN A 8 5.35 0.01 7.58
C ASN A 8 6.83 -0.42 7.73
N ALA A 9 7.07 -1.74 7.83
CA ALA A 9 8.39 -2.32 7.59
C ALA A 9 8.91 -1.94 6.20
N ALA A 10 8.09 -2.23 5.21
CA ALA A 10 8.29 -1.94 3.79
C ALA A 10 6.91 -1.97 3.11
N CYS A 11 6.07 -0.98 3.45
CA CYS A 11 4.65 -0.96 3.16
C CYS A 11 4.21 0.49 3.03
N HIS A 12 3.97 0.90 1.79
CA HIS A 12 3.21 2.07 1.39
C HIS A 12 1.99 1.52 0.64
N PRO A 13 0.91 2.31 0.51
CA PRO A 13 -0.28 2.03 -0.28
C PRO A 13 0.04 2.01 -1.80
N CYS A 14 1.14 1.35 -2.22
CA CYS A 14 1.76 1.61 -3.53
C CYS A 14 2.74 0.49 -3.83
N SER A 15 3.63 0.19 -2.87
CA SER A 15 4.45 -1.01 -2.85
C SER A 15 3.59 -2.28 -2.89
N CYS A 16 2.31 -2.20 -2.46
CA CYS A 16 1.36 -3.31 -2.60
C CYS A 16 1.22 -3.72 -4.07
N LYS A 17 0.83 -4.98 -4.31
CA LYS A 17 0.73 -5.54 -5.64
C LYS A 17 -0.43 -4.90 -6.39
N ASP A 18 -1.65 -4.99 -5.84
CA ASP A 18 -2.83 -4.30 -6.35
C ASP A 18 -3.16 -3.19 -5.35
N ARG A 19 -2.45 -2.07 -5.49
CA ARG A 19 -2.35 -1.05 -4.46
C ARG A 19 -3.53 -0.08 -4.47
N SER A 21 -5.40 3.16 -5.18
CA SER A 21 -5.31 3.73 -6.50
C SER A 21 -4.57 5.06 -6.52
N TYR A 22 -4.43 5.74 -5.38
CA TYR A 22 -3.76 7.02 -5.31
C TYR A 22 -2.37 6.95 -5.92
N CYS A 23 -1.67 5.81 -5.81
CA CYS A 23 -0.29 5.77 -6.36
C CYS A 23 -0.32 5.40 -7.86
N GLY A 24 -1.50 5.39 -8.47
CA GLY A 24 -1.72 5.20 -9.90
C GLY A 24 -2.89 6.05 -10.33
N GLN A 25 -2.84 7.35 -10.01
CA GLN A 25 -3.92 8.31 -10.22
C GLN A 25 -3.40 9.69 -9.85
#